data_9D9E
#
_entry.id   9D9E
#
_cell.length_a   46.806
_cell.length_b   80.448
_cell.length_c   121.756
_cell.angle_alpha   90.00
_cell.angle_beta   90.00
_cell.angle_gamma   90.00
#
_symmetry.space_group_name_H-M   'P 21 21 21'
#
loop_
_entity.id
_entity.type
_entity.pdbx_description
1 polymer 'Heat shock protein 90 homolog'
2 non-polymer (1P)-3-amino-N-{1-[(2S)-2-(2,4-difluorophenyl)-2-hydroxy-3-(1H-1,2,4-triazol-1-yl)propyl]piperidin-4-yl}-2-oxo-1-(4-phenyl-3,4-dihydro-2H-1,4-benzoxazin-6-yl)-1,2-dihydrothieno[2,3-b]pyrazine-6-carboxamide
3 non-polymer 'DIMETHYL SULFOXIDE'
4 non-polymer 'CHLORIDE ION'
5 water water
#
_entity_poly.entity_id   1
_entity_poly.type   'polypeptide(L)'
_entity_poly.pdbx_seq_one_letter_code
;GMADAKVETHEFTAEISQLMSLIINTVYSNKEIFLRELISNASDALDKIRYQALSDPSQLESEPELFIRIIPQKDQKVLE
IRDSGIGMTKADLVNNLGTIAKSGTKSFMEALSAGADVSMIGQFGVGFYSLFLVADHVQVISKHNDDEQYVWESNAGGKF
TVTLDETNERLGRGTMLRLFLKEDQLEYLEEKRIKEVVKKHSEFVAYPIQLVVTKEVEKEV
;
_entity_poly.pdbx_strand_id   A,B
#
loop_
_chem_comp.id
_chem_comp.type
_chem_comp.name
_chem_comp.formula
A1A27 non-polymer (1P)-3-amino-N-{1-[(2S)-2-(2,4-difluorophenyl)-2-hydroxy-3-(1H-1,2,4-triazol-1-yl)propyl]piperidin-4-yl}-2-oxo-1-(4-phenyl-3,4-dihydro-2H-1,4-benzoxazin-6-yl)-1,2-dihydrothieno[2,3-b]pyrazine-6-carboxamide 'C37 H35 F2 N9 O4 S'
CL non-polymer 'CHLORIDE ION' 'Cl -1'
DMS non-polymer 'DIMETHYL SULFOXIDE' 'C2 H6 O S'
#
# COMPACT_ATOMS: atom_id res chain seq x y z
N ALA A 5 -7.69 8.99 -23.14
CA ALA A 5 -9.00 9.66 -23.11
C ALA A 5 -9.99 8.86 -23.94
N LYS A 6 -9.52 7.85 -24.68
CA LYS A 6 -10.39 7.05 -25.58
C LYS A 6 -10.50 5.61 -25.08
N VAL A 7 -11.73 5.11 -24.95
CA VAL A 7 -11.98 3.72 -24.51
C VAL A 7 -12.05 2.84 -25.75
N GLU A 8 -11.12 1.91 -25.92
CA GLU A 8 -11.09 0.96 -27.04
C GLU A 8 -11.85 -0.32 -26.65
N THR A 9 -12.90 -0.68 -27.36
CA THR A 9 -13.69 -1.88 -27.09
C THR A 9 -13.25 -3.02 -27.99
N HIS A 10 -13.28 -4.23 -27.43
CA HIS A 10 -12.88 -5.42 -28.15
C HIS A 10 -13.83 -6.53 -27.74
N GLU A 11 -13.85 -7.59 -28.54
CA GLU A 11 -14.71 -8.75 -28.28
C GLU A 11 -13.83 -9.94 -27.90
N PHE A 12 -14.24 -10.72 -26.90
CA PHE A 12 -13.52 -11.94 -26.50
C PHE A 12 -13.66 -13.00 -27.59
N THR A 13 -12.69 -13.89 -27.73
CA THR A 13 -12.81 -15.05 -28.63
C THR A 13 -14.01 -15.86 -28.13
N ALA A 14 -14.61 -16.66 -29.01
CA ALA A 14 -15.77 -17.50 -28.64
C ALA A 14 -15.36 -18.41 -27.51
N GLU A 15 -14.16 -18.99 -27.58
CA GLU A 15 -13.69 -19.95 -26.55
C GLU A 15 -13.56 -19.29 -25.18
N ILE A 16 -13.02 -18.07 -25.09
CA ILE A 16 -12.94 -17.33 -23.79
C ILE A 16 -14.37 -17.01 -23.35
N SER A 17 -15.22 -16.62 -24.30
CA SER A 17 -16.63 -16.29 -23.99
C SER A 17 -17.30 -17.56 -23.47
N GLN A 18 -17.00 -18.71 -24.08
N GLN A 18 -17.00 -18.71 -24.09
CA GLN A 18 -17.55 -20.00 -23.60
CA GLN A 18 -17.55 -19.99 -23.60
C GLN A 18 -17.00 -20.27 -22.19
C GLN A 18 -16.99 -20.28 -22.20
N LEU A 19 -15.67 -20.02 -22.02
CA LEU A 19 -15.08 -20.40 -20.63
C LEU A 19 -15.82 -19.52 -19.62
N MET A 20 -16.04 -18.26 -19.97
CA MET A 20 -16.64 -17.27 -19.03
C MET A 20 -18.09 -17.62 -18.70
N SER A 21 -18.93 -18.13 -19.61
CA SER A 21 -20.29 -18.57 -19.29
C SER A 21 -20.26 -19.78 -18.36
N LEU A 22 -19.35 -20.73 -18.62
CA LEU A 22 -19.22 -21.89 -17.75
C LEU A 22 -18.91 -21.47 -16.31
N ILE A 23 -17.92 -20.59 -16.12
CA ILE A 23 -17.53 -20.21 -14.77
C ILE A 23 -18.64 -19.40 -14.10
N ILE A 24 -19.25 -18.48 -14.81
CA ILE A 24 -20.28 -17.55 -14.24
C ILE A 24 -21.47 -18.40 -13.76
N ASN A 25 -21.78 -19.49 -14.44
CA ASN A 25 -22.99 -20.31 -14.14
C ASN A 25 -22.66 -21.60 -13.39
N THR A 26 -21.39 -21.88 -13.11
CA THR A 26 -20.97 -23.11 -12.38
C THR A 26 -21.57 -23.11 -10.97
N VAL A 27 -22.12 -24.24 -10.53
CA VAL A 27 -22.65 -24.39 -9.14
C VAL A 27 -21.49 -24.81 -8.24
N TYR A 28 -20.29 -25.00 -8.79
CA TYR A 28 -19.08 -25.40 -8.03
C TYR A 28 -19.00 -24.77 -6.65
N SER A 29 -18.71 -25.58 -5.63
CA SER A 29 -18.47 -25.10 -4.24
C SER A 29 -16.98 -24.77 -4.21
N ASN A 30 -16.37 -24.44 -3.08
CA ASN A 30 -14.90 -24.20 -3.05
C ASN A 30 -14.55 -23.05 -4.01
N LYS A 31 -15.42 -22.05 -4.16
CA LYS A 31 -15.20 -20.88 -5.03
C LYS A 31 -14.01 -20.07 -4.51
N GLU A 32 -13.56 -20.30 -3.28
CA GLU A 32 -12.43 -19.59 -2.71
C GLU A 32 -11.16 -19.80 -3.53
N ILE A 33 -11.12 -20.83 -4.37
CA ILE A 33 -9.89 -21.08 -5.12
C ILE A 33 -9.57 -19.97 -6.10
N PHE A 34 -10.50 -19.05 -6.37
CA PHE A 34 -10.16 -17.90 -7.21
C PHE A 34 -8.94 -17.17 -6.66
N LEU A 35 -8.86 -17.07 -5.33
CA LEU A 35 -7.78 -16.26 -4.73
C LEU A 35 -6.43 -16.94 -4.90
N ARG A 36 -6.38 -18.26 -4.73
CA ARG A 36 -5.16 -18.98 -5.06
C ARG A 36 -4.73 -18.72 -6.50
N GLU A 37 -5.68 -18.75 -7.43
CA GLU A 37 -5.30 -18.61 -8.84
C GLU A 37 -4.76 -17.21 -9.13
N LEU A 38 -5.34 -16.18 -8.52
CA LEU A 38 -4.89 -14.81 -8.77
C LEU A 38 -3.56 -14.55 -8.08
N ILE A 39 -3.37 -15.10 -6.89
CA ILE A 39 -2.08 -15.02 -6.22
C ILE A 39 -1.01 -15.77 -7.01
N SER A 40 -1.36 -16.95 -7.52
N SER A 40 -1.35 -16.94 -7.52
CA SER A 40 -0.42 -17.67 -8.37
CA SER A 40 -0.41 -17.67 -8.36
C SER A 40 -0.04 -16.85 -9.58
C SER A 40 -0.04 -16.87 -9.60
N ASN A 41 -1.01 -16.20 -10.21
CA ASN A 41 -0.70 -15.34 -11.35
C ASN A 41 0.20 -14.19 -10.94
N ALA A 42 -0.07 -13.61 -9.76
CA ALA A 42 0.78 -12.52 -9.29
C ALA A 42 2.19 -13.04 -9.06
N SER A 43 2.31 -14.25 -8.47
CA SER A 43 3.63 -14.82 -8.21
C SER A 43 4.40 -15.05 -9.51
N ASP A 44 3.70 -15.54 -10.54
CA ASP A 44 4.35 -15.80 -11.81
C ASP A 44 4.86 -14.51 -12.44
N ALA A 45 4.07 -13.43 -12.33
CA ALA A 45 4.47 -12.15 -12.91
C ALA A 45 5.67 -11.58 -12.18
N LEU A 46 5.71 -11.78 -10.87
CA LEU A 46 6.87 -11.40 -10.07
C LEU A 46 8.10 -12.22 -10.40
N ASP A 47 7.95 -13.53 -10.63
CA ASP A 47 9.07 -14.34 -11.07
C ASP A 47 9.68 -13.79 -12.34
N LYS A 48 8.84 -13.27 -13.24
CA LYS A 48 9.32 -12.76 -14.52
C LYS A 48 10.21 -11.53 -14.33
N ILE A 49 9.82 -10.62 -13.44
CA ILE A 49 10.64 -9.41 -13.25
C ILE A 49 11.90 -9.77 -12.48
N ARG A 50 11.80 -10.72 -11.53
CA ARG A 50 13.03 -11.23 -10.91
C ARG A 50 13.98 -11.75 -11.95
N TYR A 51 13.44 -12.53 -12.90
CA TYR A 51 14.29 -13.14 -13.92
C TYR A 51 14.95 -12.09 -14.76
N GLN A 52 14.17 -11.10 -15.20
CA GLN A 52 14.75 -10.05 -16.05
C GLN A 52 15.82 -9.30 -15.29
N ALA A 53 15.59 -9.08 -14.00
CA ALA A 53 16.54 -8.33 -13.19
C ALA A 53 17.91 -9.01 -13.15
N LEU A 54 17.99 -10.31 -13.38
CA LEU A 54 19.29 -10.97 -13.35
C LEU A 54 20.22 -10.35 -14.38
N SER A 55 19.74 -10.13 -15.60
CA SER A 55 20.55 -9.55 -16.67
C SER A 55 20.38 -8.04 -16.82
N ASP A 56 19.31 -7.47 -16.33
CA ASP A 56 19.03 -6.03 -16.51
C ASP A 56 18.47 -5.59 -15.17
N PRO A 57 19.33 -5.43 -14.15
CA PRO A 57 18.84 -5.02 -12.82
C PRO A 57 18.06 -3.72 -12.82
N SER A 58 18.32 -2.84 -13.76
CA SER A 58 17.63 -1.55 -13.73
C SER A 58 16.14 -1.68 -14.00
N GLN A 59 15.68 -2.80 -14.57
CA GLN A 59 14.25 -2.98 -14.79
C GLN A 59 13.48 -3.01 -13.48
N LEU A 60 14.13 -3.36 -12.38
CA LEU A 60 13.48 -3.34 -11.08
C LEU A 60 13.22 -1.93 -10.57
N GLU A 61 13.90 -0.92 -11.13
CA GLU A 61 13.90 0.39 -10.50
C GLU A 61 12.53 1.05 -10.53
N SER A 62 11.67 0.70 -11.48
CA SER A 62 10.35 1.28 -11.58
C SER A 62 9.48 0.98 -10.39
N GLU A 63 9.88 0.05 -9.54
CA GLU A 63 9.17 -0.42 -8.36
C GLU A 63 10.08 -1.41 -7.66
N PRO A 64 10.92 -0.93 -6.73
CA PRO A 64 11.99 -1.77 -6.20
C PRO A 64 11.51 -2.86 -5.28
N GLU A 65 10.26 -2.81 -4.83
CA GLU A 65 9.73 -3.80 -3.90
C GLU A 65 8.97 -4.87 -4.67
N LEU A 66 9.16 -6.14 -4.28
CA LEU A 66 8.50 -7.29 -4.88
C LEU A 66 7.48 -7.80 -3.89
N PHE A 67 6.19 -7.60 -4.21
CA PHE A 67 5.14 -7.91 -3.26
C PHE A 67 3.83 -8.25 -3.96
N ILE A 68 2.97 -8.87 -3.18
CA ILE A 68 1.58 -9.11 -3.50
C ILE A 68 0.79 -8.45 -2.38
N ARG A 69 -0.20 -7.64 -2.74
CA ARG A 69 -1.00 -6.92 -1.76
C ARG A 69 -2.48 -7.11 -2.04
N ILE A 70 -3.23 -7.44 -1.02
CA ILE A 70 -4.67 -7.64 -1.12
C ILE A 70 -5.36 -6.53 -0.36
N ILE A 71 -6.29 -5.84 -1.03
CA ILE A 71 -6.94 -4.68 -0.43
C ILE A 71 -8.45 -4.80 -0.56
N PRO A 72 -9.15 -5.25 0.46
CA PRO A 72 -10.62 -5.16 0.43
C PRO A 72 -11.05 -3.72 0.46
N GLN A 73 -12.00 -3.37 -0.41
N GLN A 73 -12.01 -3.38 -0.41
CA GLN A 73 -12.62 -2.05 -0.44
CA GLN A 73 -12.64 -2.06 -0.45
C GLN A 73 -14.10 -2.24 -0.12
C GLN A 73 -14.11 -2.26 -0.12
N LYS A 74 -14.42 -2.34 1.17
CA LYS A 74 -15.77 -2.74 1.59
C LYS A 74 -16.83 -1.79 1.05
N ASP A 75 -16.58 -0.49 1.11
CA ASP A 75 -17.58 0.47 0.65
C ASP A 75 -17.94 0.22 -0.82
N GLN A 76 -16.96 -0.16 -1.63
CA GLN A 76 -17.20 -0.37 -3.06
C GLN A 76 -17.56 -1.80 -3.39
N LYS A 77 -17.54 -2.71 -2.41
CA LYS A 77 -17.69 -4.13 -2.61
C LYS A 77 -16.71 -4.66 -3.65
N VAL A 78 -15.46 -4.24 -3.51
CA VAL A 78 -14.40 -4.57 -4.46
C VAL A 78 -13.27 -5.19 -3.67
N LEU A 79 -12.71 -6.28 -4.19
CA LEU A 79 -11.47 -6.85 -3.70
C LEU A 79 -10.38 -6.59 -4.72
N GLU A 80 -9.32 -5.90 -4.30
CA GLU A 80 -8.17 -5.61 -5.13
C GLU A 80 -7.04 -6.56 -4.81
N ILE A 81 -6.37 -7.05 -5.86
CA ILE A 81 -5.16 -7.84 -5.71
C ILE A 81 -4.10 -7.20 -6.57
N ARG A 82 -3.05 -6.70 -5.93
N ARG A 82 -3.01 -6.78 -5.94
CA ARG A 82 -2.00 -5.94 -6.59
CA ARG A 82 -1.99 -5.98 -6.57
C ARG A 82 -0.70 -6.70 -6.48
C ARG A 82 -0.67 -6.72 -6.46
N ASP A 83 0.13 -6.65 -7.52
CA ASP A 83 1.46 -7.20 -7.49
C ASP A 83 2.36 -6.19 -8.15
N SER A 84 3.65 -6.25 -7.82
CA SER A 84 4.70 -5.49 -8.49
C SER A 84 5.47 -6.35 -9.48
N GLY A 85 4.77 -7.29 -10.10
CA GLY A 85 5.33 -8.14 -11.12
C GLY A 85 5.66 -7.38 -12.39
N ILE A 86 5.89 -8.13 -13.47
CA ILE A 86 6.43 -7.53 -14.68
C ILE A 86 5.40 -6.71 -15.44
N GLY A 87 4.11 -6.92 -15.20
CA GLY A 87 3.11 -6.11 -15.86
C GLY A 87 2.72 -6.54 -17.26
N MET A 88 1.73 -5.83 -17.81
CA MET A 88 1.22 -6.07 -19.16
C MET A 88 1.14 -4.75 -19.93
N THR A 89 1.63 -4.78 -21.17
CA THR A 89 1.52 -3.68 -22.10
C THR A 89 0.09 -3.60 -22.63
N LYS A 90 -0.20 -2.53 -23.37
CA LYS A 90 -1.51 -2.44 -24.01
C LYS A 90 -1.75 -3.66 -24.92
N ALA A 91 -0.78 -3.99 -25.77
CA ALA A 91 -0.94 -5.12 -26.68
C ALA A 91 -1.22 -6.40 -25.91
N ASP A 92 -0.52 -6.63 -24.80
CA ASP A 92 -0.79 -7.81 -23.99
C ASP A 92 -2.23 -7.82 -23.51
N LEU A 93 -2.71 -6.67 -23.03
CA LEU A 93 -4.07 -6.57 -22.53
C LEU A 93 -5.09 -6.79 -23.66
N VAL A 94 -4.88 -6.14 -24.78
CA VAL A 94 -5.85 -6.25 -25.87
C VAL A 94 -6.02 -7.71 -26.28
N ASN A 95 -4.93 -8.46 -26.26
CA ASN A 95 -4.94 -9.84 -26.72
C ASN A 95 -5.20 -10.82 -25.60
N ASN A 96 -5.55 -10.31 -24.42
CA ASN A 96 -5.88 -11.18 -23.27
C ASN A 96 -4.76 -12.23 -23.15
N LEU A 97 -3.51 -11.87 -23.41
CA LEU A 97 -2.42 -12.84 -23.40
C LEU A 97 -2.81 -14.10 -24.20
N GLY A 98 -3.00 -13.92 -25.51
CA GLY A 98 -3.47 -15.02 -26.37
C GLY A 98 -2.45 -16.11 -26.58
N THR A 99 -2.88 -17.23 -27.14
CA THR A 99 -2.01 -18.41 -27.39
C THR A 99 -1.71 -19.10 -26.08
N ILE A 100 -1.12 -18.41 -25.09
CA ILE A 100 -0.90 -18.98 -23.73
C ILE A 100 -2.27 -19.34 -23.15
N ALA A 101 -3.30 -18.54 -23.46
CA ALA A 101 -4.66 -18.74 -22.91
C ALA A 101 -5.57 -19.42 -23.93
N LYS A 102 -5.33 -19.17 -25.21
CA LYS A 102 -6.24 -19.72 -26.25
C LYS A 102 -6.30 -21.26 -26.15
N SER A 103 -5.45 -21.81 -26.19
CA SER A 103 -5.30 -23.30 -26.23
C SER A 103 -5.73 -23.89 -24.89
N GLY A 104 -5.33 -23.24 -23.80
CA GLY A 104 -5.65 -23.70 -22.45
C GLY A 104 -7.14 -23.72 -22.19
N THR A 105 -7.88 -22.73 -22.66
CA THR A 105 -9.32 -22.62 -22.37
C THR A 105 -10.04 -23.81 -22.95
N LYS A 106 -9.72 -24.19 -24.18
CA LYS A 106 -10.34 -25.37 -24.83
C LYS A 106 -9.97 -26.66 -24.09
N SER A 107 -8.71 -26.82 -23.71
CA SER A 107 -8.24 -28.02 -22.97
C SER A 107 -8.94 -28.09 -21.61
N PHE A 108 -9.04 -26.85 -21.01
CA PHE A 108 -9.63 -26.90 -19.60
C PHE A 108 -11.03 -27.41 -19.69
N MET A 109 -11.80 -26.98 -20.69
CA MET A 109 -13.23 -27.35 -20.80
C MET A 109 -13.33 -28.84 -21.14
N GLU A 110 -12.42 -29.37 -21.97
CA GLU A 110 -12.39 -30.81 -22.26
C GLU A 110 -12.01 -31.61 -21.02
N ALA A 111 -11.11 -31.08 -20.21
CA ALA A 111 -10.70 -31.77 -18.99
C ALA A 111 -11.87 -31.88 -18.03
N LEU A 112 -12.65 -30.81 -17.94
CA LEU A 112 -13.84 -30.83 -17.08
C LEU A 112 -14.76 -31.98 -17.48
N SER A 113 -15.04 -32.09 -18.79
CA SER A 113 -15.95 -33.15 -19.22
C SER A 113 -15.40 -34.53 -18.85
N ALA A 114 -14.08 -34.70 -18.90
CA ALA A 114 -13.43 -35.97 -18.57
C ALA A 114 -13.19 -36.14 -17.08
N GLY A 115 -13.77 -35.28 -16.26
CA GLY A 115 -13.80 -35.48 -14.82
C GLY A 115 -12.90 -34.57 -14.04
N ALA A 116 -12.20 -33.64 -14.67
CA ALA A 116 -11.37 -32.72 -13.90
C ALA A 116 -12.25 -31.82 -13.05
N ASP A 117 -11.70 -31.42 -11.92
CA ASP A 117 -12.27 -30.41 -11.04
C ASP A 117 -11.98 -29.00 -11.54
N VAL A 118 -12.92 -28.08 -11.29
CA VAL A 118 -12.69 -26.67 -11.62
C VAL A 118 -11.43 -26.13 -10.93
N SER A 119 -11.01 -26.75 -9.82
CA SER A 119 -9.78 -26.35 -9.15
C SER A 119 -8.55 -26.57 -10.01
N MET A 120 -8.64 -27.37 -11.07
CA MET A 120 -7.51 -27.61 -11.98
C MET A 120 -7.31 -26.50 -13.00
N ILE A 121 -8.19 -25.50 -13.01
CA ILE A 121 -8.17 -24.46 -14.04
C ILE A 121 -6.76 -23.90 -14.26
N GLY A 122 -6.04 -23.62 -13.17
CA GLY A 122 -4.72 -23.00 -13.30
C GLY A 122 -3.71 -23.86 -14.01
N GLN A 123 -3.92 -25.17 -14.02
CA GLN A 123 -3.00 -26.04 -14.74
C GLN A 123 -3.14 -25.86 -16.25
N PHE A 124 -4.18 -25.20 -16.71
CA PHE A 124 -4.37 -24.90 -18.11
C PHE A 124 -4.06 -23.46 -18.46
N GLY A 125 -3.42 -22.74 -17.53
CA GLY A 125 -3.00 -21.38 -17.77
C GLY A 125 -4.11 -20.35 -17.85
N VAL A 126 -5.31 -20.67 -17.37
CA VAL A 126 -6.40 -19.72 -17.50
C VAL A 126 -7.09 -19.54 -16.17
N GLY A 127 -6.35 -19.75 -15.09
CA GLY A 127 -6.90 -19.52 -13.77
C GLY A 127 -7.44 -18.11 -13.56
N PHE A 128 -6.93 -17.13 -14.32
CA PHE A 128 -7.44 -15.77 -14.21
C PHE A 128 -8.96 -15.76 -14.21
N TYR A 129 -9.57 -16.57 -15.09
CA TYR A 129 -11.02 -16.55 -15.26
C TYR A 129 -11.74 -17.18 -14.11
N SER A 130 -11.03 -17.77 -13.15
CA SER A 130 -11.74 -18.22 -11.97
C SER A 130 -12.32 -17.08 -11.15
N LEU A 131 -11.87 -15.84 -11.39
CA LEU A 131 -12.47 -14.72 -10.69
C LEU A 131 -13.97 -14.59 -10.94
N PHE A 132 -14.45 -15.14 -12.06
CA PHE A 132 -15.89 -15.08 -12.41
C PHE A 132 -16.67 -15.97 -11.45
N LEU A 133 -16.00 -16.82 -10.66
CA LEU A 133 -16.68 -17.54 -9.61
C LEU A 133 -17.30 -16.59 -8.61
N VAL A 134 -16.67 -15.42 -8.37
CA VAL A 134 -17.07 -14.57 -7.25
C VAL A 134 -17.32 -13.12 -7.64
N ALA A 135 -16.95 -12.75 -8.87
CA ALA A 135 -17.16 -11.42 -9.38
C ALA A 135 -17.75 -11.51 -10.78
N ASP A 136 -18.60 -10.55 -11.14
CA ASP A 136 -19.23 -10.48 -12.49
C ASP A 136 -18.59 -9.35 -13.29
N HIS A 137 -17.78 -8.53 -12.64
CA HIS A 137 -17.17 -7.33 -13.26
C HIS A 137 -15.75 -7.21 -12.73
N VAL A 138 -14.77 -6.86 -13.58
CA VAL A 138 -13.38 -6.83 -13.15
C VAL A 138 -12.65 -5.75 -13.92
N GLN A 139 -11.76 -5.03 -13.23
CA GLN A 139 -10.80 -4.13 -13.84
C GLN A 139 -9.41 -4.71 -13.63
N VAL A 140 -8.57 -4.59 -14.67
CA VAL A 140 -7.17 -5.02 -14.64
C VAL A 140 -6.38 -3.75 -14.98
N ILE A 141 -5.78 -3.15 -13.97
CA ILE A 141 -4.87 -2.03 -14.12
C ILE A 141 -3.48 -2.62 -14.23
N SER A 142 -2.73 -2.22 -15.25
CA SER A 142 -1.40 -2.76 -15.40
C SER A 142 -0.43 -1.78 -15.99
N LYS A 143 0.84 -1.96 -15.59
CA LYS A 143 1.95 -1.10 -16.00
C LYS A 143 3.16 -1.98 -16.25
N HIS A 144 3.58 -2.06 -17.50
CA HIS A 144 4.81 -2.74 -17.91
C HIS A 144 5.86 -1.69 -18.20
N ASN A 145 7.12 -2.04 -17.88
CA ASN A 145 8.21 -1.07 -18.04
C ASN A 145 8.21 -0.44 -19.42
N ASP A 146 7.79 -1.18 -20.46
CA ASP A 146 7.90 -0.70 -21.82
C ASP A 146 6.59 -0.10 -22.36
N ASP A 147 5.63 0.25 -21.50
CA ASP A 147 4.43 0.91 -21.96
C ASP A 147 3.86 1.79 -20.85
N GLU A 148 2.75 2.44 -21.15
CA GLU A 148 2.04 3.25 -20.16
C GLU A 148 1.09 2.37 -19.35
N GLN A 149 0.58 2.97 -18.28
CA GLN A 149 -0.39 2.30 -17.45
C GLN A 149 -1.73 2.29 -18.17
N TYR A 150 -2.34 1.10 -18.25
CA TYR A 150 -3.63 0.93 -18.91
C TYR A 150 -4.64 0.29 -17.95
N VAL A 151 -5.93 0.50 -18.24
CA VAL A 151 -7.00 -0.20 -17.56
C VAL A 151 -7.76 -1.05 -18.60
N TRP A 152 -7.81 -2.35 -18.32
CA TRP A 152 -8.62 -3.31 -19.06
C TRP A 152 -9.85 -3.49 -18.18
N GLU A 153 -11.05 -3.63 -18.73
CA GLU A 153 -12.28 -3.76 -17.93
C GLU A 153 -13.28 -4.66 -18.67
N SER A 154 -14.03 -5.48 -17.95
CA SER A 154 -15.09 -6.31 -18.57
C SER A 154 -16.21 -6.59 -17.58
N ASN A 155 -17.47 -6.45 -18.02
CA ASN A 155 -18.68 -6.83 -17.24
C ASN A 155 -19.08 -8.17 -17.85
N ALA A 156 -18.13 -8.87 -18.46
CA ALA A 156 -18.40 -10.11 -19.21
C ALA A 156 -19.27 -9.68 -20.41
N GLY A 157 -20.16 -10.55 -20.90
CA GLY A 157 -21.07 -10.21 -22.00
C GLY A 157 -20.39 -10.22 -23.36
N GLY A 158 -19.18 -10.77 -23.46
CA GLY A 158 -18.50 -10.96 -24.75
C GLY A 158 -17.65 -9.78 -25.19
N LYS A 159 -17.50 -8.77 -24.34
CA LYS A 159 -16.72 -7.56 -24.70
C LYS A 159 -15.87 -7.05 -23.53
N PHE A 160 -14.78 -6.37 -23.83
CA PHE A 160 -13.94 -5.74 -22.83
C PHE A 160 -13.39 -4.46 -23.43
N THR A 161 -13.00 -3.53 -22.56
CA THR A 161 -12.37 -2.30 -22.99
C THR A 161 -10.93 -2.22 -22.51
N VAL A 162 -10.12 -1.43 -23.23
CA VAL A 162 -8.76 -1.11 -22.82
C VAL A 162 -8.60 0.40 -22.97
N THR A 163 -8.27 1.13 -21.91
CA THR A 163 -8.19 2.61 -21.94
C THR A 163 -6.89 3.08 -21.34
N LEU A 164 -6.26 4.12 -21.87
CA LEU A 164 -5.04 4.62 -21.19
C LEU A 164 -5.48 5.07 -19.80
N ASP A 165 -4.67 4.79 -18.78
CA ASP A 165 -5.09 5.09 -17.39
C ASP A 165 -4.59 6.50 -17.05
N GLU A 166 -5.52 7.45 -16.92
CA GLU A 166 -5.16 8.84 -16.55
C GLU A 166 -5.69 9.18 -15.15
N THR A 167 -6.45 8.30 -14.49
CA THR A 167 -7.10 8.61 -13.21
C THR A 167 -6.61 7.84 -11.99
N ASN A 168 -6.11 6.61 -12.16
CA ASN A 168 -5.76 5.74 -11.00
C ASN A 168 -4.43 6.10 -10.36
N GLU A 169 -4.18 5.54 -9.17
CA GLU A 169 -2.85 5.70 -8.53
C GLU A 169 -1.86 5.00 -9.46
N ARG A 170 -0.69 5.58 -9.69
CA ARG A 170 0.36 4.93 -10.47
C ARG A 170 0.83 3.66 -9.78
N LEU A 171 0.90 2.57 -10.54
CA LEU A 171 1.42 1.32 -9.97
C LEU A 171 2.94 1.36 -9.89
N GLY A 172 3.61 2.15 -10.71
CA GLY A 172 5.05 2.07 -10.87
C GLY A 172 5.42 0.92 -11.82
N ARG A 173 5.09 -0.30 -11.41
CA ARG A 173 5.21 -1.47 -12.26
C ARG A 173 4.30 -2.53 -11.66
N GLY A 174 3.64 -3.29 -12.52
CA GLY A 174 2.88 -4.40 -12.03
C GLY A 174 1.42 -4.39 -12.43
N THR A 175 0.58 -5.09 -11.68
CA THR A 175 -0.80 -5.26 -12.06
C THR A 175 -1.68 -5.24 -10.83
N MET A 176 -2.86 -4.64 -10.97
CA MET A 176 -3.85 -4.73 -9.90
C MET A 176 -5.16 -5.17 -10.51
N LEU A 177 -5.69 -6.27 -9.99
CA LEU A 177 -7.02 -6.72 -10.29
C LEU A 177 -8.01 -6.10 -9.32
N ARG A 178 -9.15 -5.65 -9.82
CA ARG A 178 -10.21 -5.09 -8.99
C ARG A 178 -11.46 -5.91 -9.27
N LEU A 179 -11.84 -6.73 -8.30
CA LEU A 179 -12.96 -7.64 -8.44
C LEU A 179 -14.20 -7.02 -7.82
N PHE A 180 -15.21 -6.77 -8.64
CA PHE A 180 -16.50 -6.31 -8.13
C PHE A 180 -17.29 -7.52 -7.70
N LEU A 181 -17.21 -7.83 -6.41
CA LEU A 181 -17.78 -9.08 -5.92
C LEU A 181 -19.30 -9.16 -6.07
N LYS A 182 -19.77 -10.36 -6.35
CA LYS A 182 -21.21 -10.65 -6.34
C LYS A 182 -21.78 -10.61 -4.92
N GLU A 183 -23.05 -10.26 -4.83
CA GLU A 183 -23.68 -9.94 -3.56
C GLU A 183 -23.63 -11.08 -2.56
N ASP A 184 -23.51 -12.32 -3.02
CA ASP A 184 -23.39 -13.44 -2.10
C ASP A 184 -21.95 -13.84 -1.81
N GLN A 185 -20.97 -13.11 -2.35
CA GLN A 185 -19.56 -13.45 -2.16
C GLN A 185 -18.82 -12.41 -1.33
N LEU A 186 -19.53 -11.64 -0.53
CA LEU A 186 -18.87 -10.54 0.15
C LEU A 186 -17.99 -11.00 1.31
N GLU A 187 -18.04 -12.28 1.70
CA GLU A 187 -17.13 -12.74 2.75
C GLU A 187 -15.66 -12.48 2.41
N TYR A 188 -15.29 -12.42 1.11
CA TYR A 188 -13.92 -12.22 0.68
C TYR A 188 -13.46 -10.79 0.83
N LEU A 189 -14.29 -9.93 1.42
CA LEU A 189 -13.86 -8.62 1.86
C LEU A 189 -13.42 -8.63 3.31
N GLU A 190 -13.54 -9.76 4.01
CA GLU A 190 -13.35 -9.83 5.45
C GLU A 190 -11.94 -10.30 5.74
N GLU A 191 -11.27 -9.59 6.65
CA GLU A 191 -9.89 -9.89 6.98
C GLU A 191 -9.75 -11.35 7.39
N LYS A 192 -10.58 -11.79 8.32
CA LYS A 192 -10.54 -13.17 8.78
C LYS A 192 -10.58 -14.14 7.61
N ARG A 193 -11.57 -13.97 6.71
CA ARG A 193 -11.77 -14.92 5.63
C ARG A 193 -10.59 -14.90 4.67
N ILE A 194 -10.05 -13.71 4.37
CA ILE A 194 -8.96 -13.64 3.43
C ILE A 194 -7.73 -14.35 3.98
N LYS A 195 -7.46 -14.17 5.27
CA LYS A 195 -6.33 -14.85 5.88
C LYS A 195 -6.49 -16.37 5.84
N GLU A 196 -7.73 -16.88 6.05
CA GLU A 196 -7.92 -18.32 5.97
C GLU A 196 -7.60 -18.84 4.56
N VAL A 197 -8.23 -18.24 3.54
CA VAL A 197 -7.99 -18.70 2.18
C VAL A 197 -6.52 -18.65 1.83
N VAL A 198 -5.83 -17.58 2.21
CA VAL A 198 -4.43 -17.46 1.85
C VAL A 198 -3.64 -18.56 2.54
N LYS A 199 -3.91 -18.80 3.81
CA LYS A 199 -3.18 -19.82 4.56
C LYS A 199 -3.47 -21.22 4.03
N LYS A 200 -4.71 -21.47 3.63
CA LYS A 200 -5.08 -22.81 3.16
C LYS A 200 -4.49 -23.12 1.79
N HIS A 201 -4.48 -22.16 0.87
CA HIS A 201 -4.15 -22.44 -0.51
C HIS A 201 -2.86 -21.81 -0.99
N SER A 202 -2.31 -20.82 -0.29
CA SER A 202 -1.16 -20.09 -0.83
C SER A 202 -0.06 -19.96 0.23
N GLU A 203 0.11 -20.99 1.04
CA GLU A 203 1.01 -20.87 2.18
C GLU A 203 2.47 -20.80 1.75
N PHE A 204 2.81 -21.40 0.61
CA PHE A 204 4.20 -21.50 0.17
C PHE A 204 4.55 -20.51 -0.95
N VAL A 205 4.00 -19.30 -0.94
CA VAL A 205 4.29 -18.33 -1.98
C VAL A 205 5.64 -17.68 -1.70
N ALA A 206 6.45 -17.47 -2.75
CA ALA A 206 7.81 -16.95 -2.64
C ALA A 206 7.87 -15.45 -2.39
N TYR A 207 6.77 -14.82 -2.04
CA TYR A 207 6.78 -13.39 -1.89
C TYR A 207 5.94 -13.02 -0.68
N PRO A 208 6.26 -11.90 -0.03
CA PRO A 208 5.37 -11.42 1.04
C PRO A 208 3.99 -11.13 0.46
N ILE A 209 2.98 -11.57 1.18
CA ILE A 209 1.59 -11.23 0.88
C ILE A 209 1.13 -10.24 1.93
N GLN A 210 0.83 -9.02 1.51
CA GLN A 210 0.35 -7.99 2.40
C GLN A 210 -1.16 -7.90 2.30
N LEU A 211 -1.82 -7.79 3.44
CA LEU A 211 -3.26 -7.60 3.52
C LEU A 211 -3.53 -6.26 4.15
N VAL A 212 -4.31 -5.42 3.47
CA VAL A 212 -4.64 -4.08 3.97
C VAL A 212 -6.00 -4.10 4.62
N VAL A 213 -6.04 -3.74 5.91
CA VAL A 213 -7.28 -3.61 6.68
C VAL A 213 -7.56 -2.14 6.87
N THR A 214 -8.79 -1.71 6.63
CA THR A 214 -9.13 -0.31 6.74
C THR A 214 -10.05 -0.09 7.95
N LYS A 215 -9.69 0.89 8.79
CA LYS A 215 -10.52 1.16 9.97
C LYS A 215 -11.94 1.50 9.54
N GLU A 216 -12.90 0.69 10.02
CA GLU A 216 -14.30 0.74 9.61
C GLU A 216 -15.04 1.92 10.23
N VAL A 217 -16.11 2.33 9.57
CA VAL A 217 -16.90 3.49 9.98
C VAL A 217 -17.81 3.16 11.15
N VAL B 7 24.42 13.46 -0.44
CA VAL B 7 24.00 13.51 0.95
C VAL B 7 24.47 14.81 1.60
N GLU B 8 23.53 15.55 2.19
CA GLU B 8 23.82 16.84 2.81
C GLU B 8 23.54 16.77 4.29
N THR B 9 24.51 17.19 5.09
CA THR B 9 24.39 17.22 6.55
C THR B 9 23.96 18.59 7.04
N HIS B 10 23.06 18.61 8.01
CA HIS B 10 22.62 19.83 8.65
C HIS B 10 22.64 19.66 10.15
N GLU B 11 22.68 20.79 10.85
CA GLU B 11 22.75 20.81 12.31
C GLU B 11 21.37 21.15 12.85
N PHE B 12 20.90 20.34 13.80
CA PHE B 12 19.62 20.64 14.51
C PHE B 12 19.82 21.86 15.40
N THR B 13 18.88 22.80 15.42
CA THR B 13 18.90 23.87 16.40
C THR B 13 19.06 23.29 17.81
N ALA B 14 19.61 24.10 18.71
CA ALA B 14 19.83 23.64 20.08
C ALA B 14 18.53 23.19 20.75
N GLU B 15 17.46 23.96 20.58
CA GLU B 15 16.16 23.66 21.23
C GLU B 15 15.63 22.31 20.77
N ILE B 16 15.63 22.06 19.45
CA ILE B 16 15.14 20.77 18.88
C ILE B 16 16.05 19.64 19.36
N SER B 17 17.39 19.81 19.32
CA SER B 17 18.28 18.76 19.80
C SER B 17 18.03 18.50 21.28
N GLN B 18 17.76 19.56 22.05
N GLN B 18 17.76 19.55 22.06
CA GLN B 18 17.43 19.39 23.47
CA GLN B 18 17.42 19.38 23.47
C GLN B 18 16.08 18.68 23.63
C GLN B 18 16.08 18.68 23.62
N LEU B 19 15.09 19.04 22.80
CA LEU B 19 13.80 18.36 22.88
C LEU B 19 13.95 16.88 22.59
N MET B 20 14.69 16.55 21.52
N MET B 20 14.69 16.55 21.52
CA MET B 20 14.85 15.15 21.13
CA MET B 20 14.85 15.15 21.13
C MET B 20 15.50 14.34 22.26
C MET B 20 15.49 14.35 22.27
N SER B 21 16.58 14.87 22.85
CA SER B 21 17.22 14.13 23.93
C SER B 21 16.26 13.97 25.11
N LEU B 22 15.48 14.99 25.41
CA LEU B 22 14.55 14.89 26.52
C LEU B 22 13.53 13.78 26.30
N ILE B 23 12.89 13.75 25.13
CA ILE B 23 11.88 12.74 24.84
C ILE B 23 12.48 11.34 24.86
N ILE B 24 13.60 11.14 24.16
CA ILE B 24 14.16 9.80 24.05
C ILE B 24 14.55 9.24 25.42
N ASN B 25 14.91 10.11 26.38
CA ASN B 25 15.18 9.68 27.74
C ASN B 25 14.00 9.81 28.68
N THR B 26 12.84 10.24 28.20
CA THR B 26 11.74 10.47 29.12
C THR B 26 11.22 9.13 29.68
N VAL B 27 10.82 9.18 30.94
CA VAL B 27 10.17 8.06 31.62
C VAL B 27 8.68 8.31 31.57
N TYR B 28 7.96 7.45 30.89
CA TYR B 28 6.55 7.73 30.68
C TYR B 28 5.85 6.41 30.41
N SER B 29 4.80 6.15 31.17
CA SER B 29 4.16 4.85 31.14
C SER B 29 3.09 4.69 30.06
N ASN B 30 2.88 5.71 29.21
N ASN B 30 2.89 5.69 29.21
CA ASN B 30 1.84 5.68 28.18
CA ASN B 30 1.85 5.63 28.19
C ASN B 30 2.43 6.14 26.85
C ASN B 30 2.38 6.07 26.84
N LYS B 31 3.48 5.46 26.41
CA LYS B 31 4.16 5.87 25.19
C LYS B 31 3.34 5.65 23.92
N GLU B 32 2.24 4.88 23.98
CA GLU B 32 1.42 4.66 22.78
C GLU B 32 0.86 5.96 22.19
N ILE B 33 0.89 7.05 22.95
CA ILE B 33 0.36 8.30 22.44
C ILE B 33 1.20 8.84 21.28
N PHE B 34 2.40 8.31 21.06
CA PHE B 34 3.13 8.73 19.86
C PHE B 34 2.26 8.50 18.63
N LEU B 35 1.48 7.43 18.62
CA LEU B 35 0.79 7.09 17.40
C LEU B 35 -0.33 8.08 17.09
N ARG B 36 -1.04 8.51 18.12
CA ARG B 36 -2.02 9.59 17.97
C ARG B 36 -1.37 10.83 17.36
N GLU B 37 -0.19 11.19 17.84
CA GLU B 37 0.42 12.43 17.37
C GLU B 37 0.79 12.33 15.89
N LEU B 38 1.31 11.18 15.47
CA LEU B 38 1.73 11.02 14.09
C LEU B 38 0.55 10.88 13.16
N ILE B 39 -0.51 10.22 13.63
CA ILE B 39 -1.74 10.16 12.84
C ILE B 39 -2.34 11.56 12.71
N SER B 40 -2.30 12.35 13.79
N SER B 40 -2.30 12.35 13.79
CA SER B 40 -2.82 13.71 13.71
CA SER B 40 -2.83 13.72 13.70
C SER B 40 -2.01 14.54 12.71
C SER B 40 -2.02 14.55 12.72
N ASN B 41 -0.69 14.40 12.74
CA ASN B 41 0.14 15.09 11.75
C ASN B 41 -0.23 14.66 10.34
N ALA B 42 -0.40 13.36 10.13
CA ALA B 42 -0.83 12.87 8.81
C ALA B 42 -2.15 13.49 8.39
N SER B 43 -3.14 13.47 9.28
CA SER B 43 -4.41 14.14 9.00
C SER B 43 -4.23 15.61 8.63
N ASP B 44 -3.36 16.33 9.35
CA ASP B 44 -3.09 17.72 9.01
C ASP B 44 -2.52 17.85 7.60
N ALA B 45 -1.62 16.93 7.22
CA ALA B 45 -1.03 17.00 5.89
C ALA B 45 -2.08 16.75 4.83
N LEU B 46 -2.96 15.77 5.07
CA LEU B 46 -4.07 15.52 4.15
C LEU B 46 -5.00 16.74 4.07
N ASP B 47 -5.30 17.40 5.20
CA ASP B 47 -6.12 18.61 5.11
C ASP B 47 -5.49 19.65 4.17
N LYS B 48 -4.17 19.79 4.23
CA LYS B 48 -3.50 20.81 3.42
C LYS B 48 -3.62 20.50 1.94
N ILE B 49 -3.49 19.24 1.55
CA ILE B 49 -3.56 18.97 0.12
C ILE B 49 -5.01 19.09 -0.33
N ARG B 50 -5.94 18.62 0.50
CA ARG B 50 -7.36 18.80 0.18
C ARG B 50 -7.73 20.27 0.01
N TYR B 51 -7.20 21.14 0.87
CA TYR B 51 -7.44 22.57 0.78
C TYR B 51 -6.99 23.10 -0.56
N GLN B 52 -5.76 22.80 -0.95
CA GLN B 52 -5.27 23.29 -2.24
C GLN B 52 -6.08 22.71 -3.38
N ALA B 53 -6.41 21.42 -3.30
CA ALA B 53 -7.16 20.76 -4.37
C ALA B 53 -8.56 21.33 -4.54
N LEU B 54 -9.11 21.98 -3.49
CA LEU B 54 -10.43 22.58 -3.64
C LEU B 54 -10.41 23.77 -4.57
N SER B 55 -9.25 24.38 -4.74
CA SER B 55 -9.13 25.42 -5.75
C SER B 55 -8.38 24.97 -7.00
N ASP B 56 -7.53 23.93 -6.93
CA ASP B 56 -6.80 23.44 -8.09
C ASP B 56 -6.76 21.91 -8.01
N PRO B 57 -7.81 21.24 -8.51
CA PRO B 57 -7.86 19.77 -8.43
C PRO B 57 -6.68 19.07 -9.08
N SER B 58 -5.97 19.72 -10.00
CA SER B 58 -4.80 19.10 -10.59
C SER B 58 -3.74 18.76 -9.55
N GLN B 59 -3.82 19.31 -8.33
CA GLN B 59 -2.80 19.04 -7.33
C GLN B 59 -2.91 17.65 -6.74
N LEU B 60 -4.07 17.01 -6.88
CA LEU B 60 -4.27 15.64 -6.45
C LEU B 60 -3.72 14.61 -7.43
N GLU B 61 -3.47 14.99 -8.68
CA GLU B 61 -3.17 13.98 -9.70
C GLU B 61 -1.89 13.24 -9.39
N SER B 62 -1.00 13.82 -8.61
CA SER B 62 0.22 13.12 -8.22
C SER B 62 -0.07 11.92 -7.34
N GLU B 63 -1.27 11.81 -6.79
CA GLU B 63 -1.64 10.68 -5.89
C GLU B 63 -3.14 10.88 -5.63
N PRO B 64 -4.07 10.35 -6.44
CA PRO B 64 -5.49 10.72 -6.29
C PRO B 64 -6.10 10.27 -5.00
N GLU B 65 -5.48 9.35 -4.27
CA GLU B 65 -6.09 8.79 -3.05
C GLU B 65 -5.61 9.54 -1.82
N LEU B 66 -6.51 9.75 -0.89
CA LEU B 66 -6.25 10.45 0.36
C LEU B 66 -6.34 9.47 1.50
N PHE B 67 -5.19 9.14 2.10
CA PHE B 67 -5.23 8.09 3.11
C PHE B 67 -4.05 8.17 4.06
N ILE B 68 -4.19 7.43 5.16
CA ILE B 68 -3.15 7.15 6.13
C ILE B 68 -2.99 5.65 6.15
N ARG B 69 -1.75 5.19 6.18
N ARG B 69 -1.75 5.19 6.20
CA ARG B 69 -1.47 3.75 6.15
CA ARG B 69 -1.46 3.77 6.15
C ARG B 69 -0.31 3.42 7.07
C ARG B 69 -0.31 3.43 7.09
N ILE B 70 -0.53 2.43 7.93
CA ILE B 70 0.45 1.99 8.91
C ILE B 70 0.98 0.64 8.45
N ILE B 71 2.30 0.54 8.33
CA ILE B 71 2.93 -0.67 7.82
C ILE B 71 3.99 -1.15 8.80
N PRO B 72 3.67 -2.08 9.70
CA PRO B 72 4.72 -2.70 10.51
C PRO B 72 5.60 -3.56 9.63
N GLN B 73 6.93 -3.35 9.74
CA GLN B 73 7.91 -4.13 8.99
C GLN B 73 8.69 -4.91 10.03
N LYS B 74 8.24 -6.13 10.33
CA LYS B 74 8.79 -6.88 11.47
C LYS B 74 10.28 -7.17 11.33
N ASP B 75 10.72 -7.60 10.14
CA ASP B 75 12.10 -8.04 9.99
C ASP B 75 13.07 -6.90 10.23
N GLN B 76 12.68 -5.69 9.84
CA GLN B 76 13.52 -4.53 10.03
C GLN B 76 13.30 -3.87 11.37
N LYS B 77 12.30 -4.31 12.14
CA LYS B 77 11.95 -3.66 13.41
C LYS B 77 11.59 -2.19 13.20
N VAL B 78 10.83 -1.92 12.13
CA VAL B 78 10.46 -0.58 11.72
C VAL B 78 8.93 -0.49 11.67
N LEU B 79 8.39 0.60 12.20
CA LEU B 79 6.98 0.93 11.99
C LEU B 79 6.90 2.08 11.01
N GLU B 80 6.18 1.89 9.91
CA GLU B 80 6.02 2.94 8.92
C GLU B 80 4.63 3.56 9.04
N ILE B 81 4.58 4.89 8.92
CA ILE B 81 3.35 5.66 8.90
C ILE B 81 3.37 6.49 7.62
N ARG B 82 2.48 6.19 6.70
CA ARG B 82 2.48 6.85 5.41
C ARG B 82 1.19 7.62 5.21
N ASP B 83 1.29 8.82 4.64
CA ASP B 83 0.13 9.59 4.27
C ASP B 83 0.32 10.09 2.86
N SER B 84 -0.80 10.37 2.18
CA SER B 84 -0.79 10.98 0.86
C SER B 84 -1.12 12.45 0.97
N GLY B 85 -0.59 13.08 2.00
CA GLY B 85 -0.81 14.49 2.23
C GLY B 85 0.03 15.34 1.32
N ILE B 86 0.21 16.59 1.74
CA ILE B 86 0.82 17.60 0.88
C ILE B 86 2.29 17.35 0.69
N GLY B 87 2.93 16.64 1.63
CA GLY B 87 4.34 16.39 1.49
C GLY B 87 5.14 17.60 1.86
N MET B 88 6.46 17.42 1.78
CA MET B 88 7.41 18.47 2.21
C MET B 88 8.50 18.60 1.16
N THR B 89 8.82 19.82 0.75
CA THR B 89 9.90 20.05 -0.18
C THR B 89 11.23 19.85 0.53
N LYS B 90 12.33 19.90 -0.25
CA LYS B 90 13.64 19.85 0.39
C LYS B 90 13.78 20.97 1.43
N ALA B 91 13.38 22.20 1.07
CA ALA B 91 13.45 23.30 2.04
C ALA B 91 12.62 22.99 3.27
N ASP B 92 11.41 22.50 3.05
CA ASP B 92 10.50 22.12 4.16
C ASP B 92 11.24 21.16 5.09
N LEU B 93 11.83 20.08 4.56
CA LEU B 93 12.44 19.05 5.44
C LEU B 93 13.60 19.66 6.23
N VAL B 94 14.47 20.44 5.58
CA VAL B 94 15.56 21.14 6.31
C VAL B 94 15.02 22.19 7.30
N ASN B 95 14.04 22.99 6.90
CA ASN B 95 13.53 24.09 7.75
C ASN B 95 12.57 23.53 8.80
N ASN B 96 11.40 23.03 8.38
CA ASN B 96 10.34 22.53 9.31
C ASN B 96 10.90 21.46 10.24
N LEU B 97 11.80 20.59 9.78
CA LEU B 97 12.44 19.61 10.71
C LEU B 97 13.86 20.13 10.98
N GLY B 98 14.15 20.44 12.24
CA GLY B 98 15.49 20.87 12.67
C GLY B 98 15.79 22.35 12.58
N THR B 99 14.94 23.23 12.01
CA THR B 99 15.10 24.70 12.14
C THR B 99 13.82 25.41 12.56
N ILE B 100 12.63 24.95 12.16
CA ILE B 100 11.35 25.71 12.30
C ILE B 100 10.50 25.32 13.52
N ALA B 101 10.93 24.40 14.39
CA ALA B 101 10.06 24.01 15.52
C ALA B 101 9.83 25.30 16.31
N LYS B 102 10.88 26.11 16.47
CA LYS B 102 10.77 27.48 17.04
C LYS B 102 10.02 27.61 18.39
N SER B 103 8.91 28.36 18.48
CA SER B 103 8.28 28.75 19.76
C SER B 103 7.80 27.55 20.54
N GLY B 104 7.17 26.59 19.89
CA GLY B 104 6.59 25.43 20.58
C GLY B 104 7.67 24.62 21.28
N THR B 105 8.82 24.38 20.64
CA THR B 105 9.87 23.49 21.20
C THR B 105 10.33 24.03 22.56
N LYS B 106 10.69 25.31 22.61
CA LYS B 106 11.12 25.93 23.88
C LYS B 106 9.96 25.93 24.87
N SER B 107 8.77 26.34 24.45
CA SER B 107 7.63 26.45 25.35
C SER B 107 7.23 25.08 25.90
N PHE B 108 7.22 24.07 25.04
CA PHE B 108 6.87 22.73 25.53
C PHE B 108 7.83 22.24 26.61
N MET B 109 9.14 22.43 26.42
CA MET B 109 10.09 21.99 27.44
C MET B 109 9.86 22.73 28.77
N GLU B 110 9.60 24.04 28.71
CA GLU B 110 9.32 24.75 29.96
C GLU B 110 8.07 24.21 30.63
N ALA B 111 7.08 23.81 29.83
CA ALA B 111 5.84 23.34 30.43
C ALA B 111 6.04 22.00 31.13
N LEU B 112 6.88 21.13 30.54
CA LEU B 112 7.26 19.86 31.16
C LEU B 112 7.94 20.09 32.51
N SER B 113 8.95 20.97 32.54
CA SER B 113 9.57 21.30 33.82
C SER B 113 8.56 21.84 34.83
N ALA B 114 7.50 22.50 34.36
CA ALA B 114 6.48 23.02 35.26
C ALA B 114 5.43 21.97 35.64
N GLY B 115 5.56 20.73 35.15
CA GLY B 115 4.65 19.67 35.53
C GLY B 115 3.74 19.15 34.44
N ALA B 116 3.84 19.69 33.22
CA ALA B 116 2.96 19.20 32.16
C ALA B 116 3.32 17.75 31.79
N ASP B 117 2.34 17.04 31.23
CA ASP B 117 2.47 15.65 30.80
C ASP B 117 2.90 15.62 29.34
N VAL B 118 3.82 14.72 29.01
CA VAL B 118 4.33 14.66 27.65
C VAL B 118 3.23 14.46 26.62
N SER B 119 2.07 13.95 27.03
CA SER B 119 0.95 13.77 26.12
C SER B 119 0.38 15.09 25.61
N MET B 120 0.69 16.21 26.24
CA MET B 120 0.26 17.51 25.73
C MET B 120 1.19 18.07 24.65
N ILE B 121 2.18 17.29 24.20
CA ILE B 121 3.17 17.77 23.24
C ILE B 121 2.49 18.42 22.03
N GLY B 122 1.34 17.87 21.62
CA GLY B 122 0.73 18.34 20.39
C GLY B 122 0.18 19.74 20.51
N GLN B 123 -0.13 20.16 21.74
CA GLN B 123 -0.56 21.53 21.93
C GLN B 123 0.51 22.54 21.50
N PHE B 124 1.78 22.13 21.44
CA PHE B 124 2.85 23.03 21.06
C PHE B 124 3.33 22.83 19.63
N GLY B 125 2.60 22.06 18.83
CA GLY B 125 2.97 21.89 17.45
C GLY B 125 4.18 21.03 17.16
N VAL B 126 4.64 20.22 18.12
CA VAL B 126 5.88 19.46 17.94
C VAL B 126 5.64 17.98 18.22
N GLY B 127 4.40 17.54 18.06
CA GLY B 127 4.04 16.15 18.29
C GLY B 127 4.88 15.18 17.48
N PHE B 128 5.45 15.59 16.36
CA PHE B 128 6.32 14.71 15.53
C PHE B 128 7.38 14.06 16.42
N TYR B 129 8.02 14.85 17.28
CA TYR B 129 9.15 14.38 18.13
C TYR B 129 8.67 13.35 19.17
N SER B 130 7.36 13.17 19.40
CA SER B 130 6.95 12.12 20.33
C SER B 130 7.32 10.72 19.82
N LEU B 131 7.71 10.58 18.54
CA LEU B 131 8.12 9.28 18.04
C LEU B 131 9.31 8.75 18.84
N PHE B 132 10.13 9.66 19.41
CA PHE B 132 11.32 9.22 20.16
C PHE B 132 10.98 8.62 21.52
N LEU B 133 9.72 8.65 21.94
CA LEU B 133 9.31 7.76 23.02
C LEU B 133 9.57 6.28 22.68
N VAL B 134 9.32 5.88 21.43
CA VAL B 134 9.35 4.46 21.06
C VAL B 134 10.44 4.11 20.06
N ALA B 135 11.08 5.11 19.45
CA ALA B 135 12.11 4.88 18.42
C ALA B 135 13.37 5.67 18.72
N ASP B 136 14.55 5.13 18.41
CA ASP B 136 15.85 5.80 18.66
C ASP B 136 16.40 6.27 17.32
N HIS B 137 15.62 6.14 16.27
CA HIS B 137 16.06 6.49 14.90
C HIS B 137 14.82 6.62 14.01
N VAL B 138 14.87 7.46 12.99
CA VAL B 138 13.73 7.72 12.12
C VAL B 138 14.24 8.16 10.76
N GLN B 139 13.57 7.67 9.71
CA GLN B 139 13.70 8.22 8.38
C GLN B 139 12.38 8.89 8.01
N VAL B 140 12.43 10.01 7.30
CA VAL B 140 11.20 10.69 6.81
C VAL B 140 11.33 10.82 5.29
N ILE B 141 10.60 10.00 4.55
CA ILE B 141 10.52 10.08 3.09
C ILE B 141 9.39 11.04 2.76
N SER B 142 9.62 11.96 1.83
CA SER B 142 8.55 12.88 1.52
C SER B 142 8.65 13.33 0.08
N LYS B 143 7.48 13.59 -0.50
CA LYS B 143 7.36 14.08 -1.88
C LYS B 143 6.27 15.13 -1.98
N HIS B 144 6.67 16.33 -2.33
CA HIS B 144 5.79 17.49 -2.46
C HIS B 144 5.66 17.79 -3.95
N ASN B 145 4.49 18.27 -4.37
CA ASN B 145 4.25 18.43 -5.80
C ASN B 145 5.30 19.32 -6.45
N ASP B 146 5.94 20.23 -5.70
CA ASP B 146 6.88 21.17 -6.31
C ASP B 146 8.33 20.73 -6.24
N ASP B 147 8.60 19.49 -5.82
CA ASP B 147 9.98 19.08 -5.60
C ASP B 147 10.10 17.58 -5.88
N GLU B 148 11.32 17.08 -5.78
CA GLU B 148 11.60 15.67 -5.90
C GLU B 148 11.38 14.97 -4.56
N GLN B 149 11.43 13.66 -4.58
CA GLN B 149 11.33 12.86 -3.37
C GLN B 149 12.67 12.90 -2.63
N TYR B 150 12.62 13.10 -1.32
CA TYR B 150 13.81 13.17 -0.50
C TYR B 150 13.66 12.26 0.71
N VAL B 151 14.81 11.87 1.27
CA VAL B 151 14.89 11.17 2.54
C VAL B 151 15.60 12.07 3.56
N TRP B 152 14.95 12.22 4.71
CA TRP B 152 15.51 12.98 5.86
C TRP B 152 15.82 11.90 6.89
N GLU B 153 16.96 11.96 7.56
CA GLU B 153 17.33 10.86 8.46
C GLU B 153 17.98 11.44 9.69
N SER B 154 17.60 10.91 10.85
CA SER B 154 18.15 11.32 12.13
C SER B 154 18.13 10.13 13.08
N ASN B 155 19.22 9.97 13.83
CA ASN B 155 19.36 8.91 14.81
C ASN B 155 19.37 9.49 16.23
N ALA B 156 18.63 10.57 16.43
CA ALA B 156 18.51 11.24 17.72
C ALA B 156 19.79 11.96 18.14
N GLY B 157 20.66 12.28 17.19
CA GLY B 157 21.84 13.07 17.46
C GLY B 157 21.57 14.55 17.36
N GLY B 158 22.65 15.31 17.14
CA GLY B 158 22.55 16.72 16.84
C GLY B 158 22.57 17.06 15.38
N LYS B 159 22.69 16.06 14.49
CA LYS B 159 22.72 16.28 13.04
C LYS B 159 21.66 15.43 12.34
N PHE B 160 21.39 15.77 11.10
CA PHE B 160 20.41 15.04 10.27
C PHE B 160 20.83 15.26 8.83
N THR B 161 20.49 14.35 7.95
CA THR B 161 20.85 14.41 6.54
C THR B 161 19.58 14.54 5.70
N VAL B 162 19.70 15.26 4.59
CA VAL B 162 18.68 15.27 3.55
C VAL B 162 19.34 14.75 2.29
N THR B 163 18.73 13.73 1.69
CA THR B 163 19.33 13.02 0.57
C THR B 163 18.26 12.79 -0.48
N LEU B 164 18.50 13.24 -1.71
CA LEU B 164 17.61 12.90 -2.82
C LEU B 164 17.36 11.40 -2.83
N ASP B 165 16.09 11.02 -2.91
CA ASP B 165 15.70 9.61 -2.83
C ASP B 165 15.75 8.97 -4.22
N GLU B 166 16.73 8.11 -4.44
CA GLU B 166 16.87 7.33 -5.67
C GLU B 166 16.76 5.84 -5.41
N THR B 167 16.35 5.44 -4.22
CA THR B 167 16.28 4.02 -3.88
C THR B 167 14.88 3.53 -3.54
N ASN B 168 14.03 4.36 -2.94
CA ASN B 168 12.77 3.89 -2.38
C ASN B 168 11.64 3.87 -3.41
N GLU B 169 10.57 3.13 -3.06
CA GLU B 169 9.33 3.23 -3.81
C GLU B 169 8.91 4.69 -3.91
N ARG B 170 8.39 5.09 -5.06
CA ARG B 170 7.84 6.43 -5.22
C ARG B 170 6.59 6.59 -4.36
N LEU B 171 6.50 7.69 -3.62
CA LEU B 171 5.27 7.99 -2.87
C LEU B 171 4.19 8.59 -3.74
N GLY B 172 4.55 9.21 -4.87
CA GLY B 172 3.63 9.96 -5.70
C GLY B 172 3.40 11.36 -5.11
N ARG B 173 2.89 11.35 -3.88
CA ARG B 173 2.79 12.54 -3.05
C ARG B 173 2.60 12.08 -1.62
N GLY B 174 3.28 12.74 -0.68
CA GLY B 174 3.00 12.59 0.73
C GLY B 174 4.28 12.32 1.51
N THR B 175 4.11 11.66 2.65
CA THR B 175 5.21 11.49 3.60
C THR B 175 5.12 10.12 4.22
N MET B 176 6.26 9.45 4.34
CA MET B 176 6.30 8.22 5.08
C MET B 176 7.33 8.39 6.19
N LEU B 177 6.91 8.14 7.42
CA LEU B 177 7.82 8.08 8.56
C LEU B 177 8.19 6.64 8.79
N ARG B 178 9.49 6.38 8.98
CA ARG B 178 9.99 5.05 9.27
C ARG B 178 10.62 5.11 10.66
N LEU B 179 9.93 4.53 11.65
CA LEU B 179 10.36 4.54 13.04
C LEU B 179 11.16 3.28 13.30
N PHE B 180 12.43 3.44 13.68
CA PHE B 180 13.25 2.31 14.08
C PHE B 180 12.99 2.07 15.57
N LEU B 181 12.15 1.08 15.88
CA LEU B 181 11.64 0.97 17.24
C LEU B 181 12.74 0.54 18.21
N LYS B 182 12.71 1.09 19.43
CA LYS B 182 13.57 0.59 20.49
C LYS B 182 13.22 -0.86 20.80
N GLU B 183 14.19 -1.55 21.39
N GLU B 183 14.20 -1.56 21.37
CA GLU B 183 14.06 -3.00 21.55
CA GLU B 183 14.07 -3.01 21.55
C GLU B 183 12.94 -3.39 22.51
C GLU B 183 12.89 -3.35 22.47
N ASP B 184 12.60 -2.53 23.47
CA ASP B 184 11.47 -2.82 24.35
C ASP B 184 10.13 -2.25 23.85
N GLN B 185 10.04 -1.79 22.60
CA GLN B 185 8.79 -1.23 22.09
C GLN B 185 8.27 -1.97 20.85
N LEU B 186 8.69 -3.22 20.65
CA LEU B 186 8.28 -3.96 19.46
C LEU B 186 6.80 -4.35 19.48
N GLU B 187 6.07 -4.09 20.58
CA GLU B 187 4.63 -4.34 20.56
C GLU B 187 3.91 -3.54 19.48
N TYR B 188 4.50 -2.41 19.05
CA TYR B 188 3.86 -1.56 18.07
C TYR B 188 4.07 -2.07 16.66
N LEU B 189 4.58 -3.30 16.51
CA LEU B 189 4.54 -4.02 15.24
C LEU B 189 3.42 -5.03 15.18
N GLU B 190 2.69 -5.22 16.27
CA GLU B 190 1.65 -6.24 16.35
C GLU B 190 0.32 -5.63 15.91
N GLU B 191 -0.38 -6.36 15.06
CA GLU B 191 -1.64 -5.86 14.49
C GLU B 191 -2.66 -5.60 15.58
N LYS B 192 -2.79 -6.52 16.54
CA LYS B 192 -3.73 -6.30 17.63
C LYS B 192 -3.40 -5.00 18.36
N ARG B 193 -2.12 -4.77 18.65
CA ARG B 193 -1.74 -3.62 19.45
C ARG B 193 -1.99 -2.31 18.69
N ILE B 194 -1.56 -2.25 17.43
CA ILE B 194 -1.84 -1.07 16.61
C ILE B 194 -3.33 -0.78 16.58
N LYS B 195 -4.17 -1.81 16.38
CA LYS B 195 -5.59 -1.56 16.30
C LYS B 195 -6.11 -0.94 17.61
N GLU B 196 -5.67 -1.49 18.75
CA GLU B 196 -6.04 -0.98 20.05
C GLU B 196 -5.69 0.50 20.20
N VAL B 197 -4.43 0.84 19.89
CA VAL B 197 -3.97 2.21 20.05
C VAL B 197 -4.77 3.14 19.16
N VAL B 198 -5.02 2.73 17.91
CA VAL B 198 -5.77 3.60 17.00
C VAL B 198 -7.17 3.85 17.54
N LYS B 199 -7.87 2.78 17.89
CA LYS B 199 -9.23 2.92 18.40
C LYS B 199 -9.28 3.78 19.66
N LYS B 200 -8.28 3.63 20.53
CA LYS B 200 -8.28 4.31 21.82
C LYS B 200 -8.12 5.82 21.63
N HIS B 201 -7.15 6.24 20.81
CA HIS B 201 -6.69 7.62 20.80
C HIS B 201 -6.97 8.34 19.49
N SER B 202 -7.41 7.66 18.45
CA SER B 202 -7.58 8.30 17.15
C SER B 202 -8.93 7.98 16.54
N GLU B 203 -9.94 7.81 17.39
CA GLU B 203 -11.22 7.29 16.92
C GLU B 203 -11.90 8.25 15.95
N PHE B 204 -11.67 9.56 16.10
CA PHE B 204 -12.40 10.56 15.32
C PHE B 204 -11.60 11.10 14.12
N VAL B 205 -10.52 10.42 13.73
CA VAL B 205 -9.74 10.88 12.58
C VAL B 205 -10.60 10.81 11.33
N ALA B 206 -10.50 11.84 10.50
CA ALA B 206 -11.42 12.04 9.39
C ALA B 206 -10.91 11.43 8.10
N TYR B 207 -9.98 10.49 8.13
CA TYR B 207 -9.47 9.90 6.92
C TYR B 207 -9.43 8.40 7.13
N PRO B 208 -9.55 7.63 6.05
CA PRO B 208 -9.39 6.17 6.20
C PRO B 208 -8.01 5.88 6.76
N ILE B 209 -7.96 5.01 7.75
CA ILE B 209 -6.68 4.52 8.28
C ILE B 209 -6.52 3.07 7.89
N GLN B 210 -5.53 2.81 7.08
CA GLN B 210 -5.24 1.45 6.65
C GLN B 210 -4.11 0.87 7.48
N LEU B 211 -4.23 -0.41 7.78
CA LEU B 211 -3.18 -1.16 8.44
C LEU B 211 -2.80 -2.36 7.58
N VAL B 212 -1.51 -2.48 7.31
CA VAL B 212 -0.95 -3.55 6.48
C VAL B 212 -0.46 -4.66 7.39
N VAL B 213 -0.99 -5.86 7.20
CA VAL B 213 -0.54 -7.08 7.87
C VAL B 213 0.17 -7.95 6.84
N THR B 214 1.38 -8.40 7.17
CA THR B 214 2.19 -9.11 6.20
C THR B 214 2.40 -10.56 6.60
N LYS B 215 2.09 -11.46 5.66
CA LYS B 215 2.51 -12.85 5.77
C LYS B 215 3.86 -12.95 5.08
N GLU B 216 4.91 -13.18 5.87
CA GLU B 216 6.27 -13.19 5.35
C GLU B 216 6.55 -14.47 4.57
N VAL B 217 7.57 -14.41 3.72
CA VAL B 217 7.93 -15.55 2.89
C VAL B 217 8.26 -16.72 3.80
N GLU B 218 7.54 -17.82 3.63
CA GLU B 218 7.70 -19.00 4.46
C GLU B 218 8.90 -19.83 3.99
C1 A1A27 C . -0.99 -10.40 -13.46
C2 A1A27 C . 0.66 -10.41 -15.06
C3 A1A27 C . -0.05 -11.36 -15.92
C4 A1A27 C . 0.67 -11.63 -17.02
C5 A1A27 C . 1.87 -11.05 -17.21
C6 A1A27 C . 2.76 -11.29 -18.47
O1 A1A27 C . 2.85 -12.37 -18.94
O2 A1A27 C . -3.02 -11.78 -13.77
C10 A1A27 C . -2.48 -15.17 -16.77
C11 A1A27 C . -3.57 -14.71 -17.75
C12 A1A27 C . -5.58 -15.33 -18.86
C13 A1A27 C . -5.53 -14.02 -19.64
C14 A1A27 C . -5.26 -11.60 -19.00
C15 A1A27 C . -4.55 -10.79 -19.76
C16 A1A27 C . -4.98 -9.32 -19.91
C17 A1A27 C . -6.07 -8.88 -19.30
C18 A1A27 C . -6.88 -9.82 -18.42
C19 A1A27 C . -6.51 -11.08 -18.28
C20 A1A27 C . -3.83 -13.43 -17.90
C21 A1A27 C . -3.05 -12.38 -17.09
C22 A1A27 C . 4.30 -10.28 -20.24
C23 A1A27 C . 5.05 -9.10 -24.23
C24 A1A27 C . 5.07 -7.62 -24.65
C25 A1A27 C . 4.34 -7.45 -25.96
C26 A1A27 C . 6.53 -7.19 -24.80
C27 A1A27 C . 7.44 -7.95 -25.77
C28 A1A27 C . 8.69 -7.58 -25.93
C29 A1A27 C . 9.25 -6.41 -25.13
C30 A1A27 C . 8.47 -5.76 -24.28
C31 A1A27 C . 7.01 -6.18 -24.11
C32 A1A27 C . 5.56 -5.73 -27.30
C33 A1A27 C . 4.35 -3.98 -26.85
C34 A1A27 C . 5.06 -8.99 -20.49
C35 A1A27 C . 5.66 -8.93 -21.92
C36 A1A27 C . 4.05 -10.54 -22.70
C37 A1A27 C . 3.37 -10.59 -21.35
C7 A1A27 C . -1.79 -11.35 -14.24
C8 A1A27 C . -2.11 -12.79 -16.23
C9 A1A27 C . -1.81 -14.28 -16.07
F1 A1A27 C . 6.95 -8.99 -26.49
F2 A1A27 C . 10.55 -6.04 -25.29
N1 A1A27 C . -1.55 -9.95 -12.20
N2 A1A27 C . 0.18 -9.93 -13.82
N3 A1A27 C . 3.45 -10.12 -19.03
N4 A1A27 C . -1.33 -11.82 -15.44
N5 A1A27 C . -4.87 -13.01 -18.84
N6 A1A27 C . 4.57 -9.20 -22.89
N7 A1A27 C . 4.55 -6.12 -26.45
N8 A1A27 C . 5.45 -4.48 -27.52
N9 A1A27 C . 3.75 -5.02 -26.14
O3 A1A27 C . -4.27 -15.69 -18.48
O4 A1A27 C . 4.45 -6.85 -23.67
S1 A1A27 C . 2.30 -9.94 -15.86
H3 A1A27 C . 0.33 -12.22 -17.66
H6 A1A27 C . -2.30 -16.08 -16.66
H8 A1A27 C . -5.95 -16.04 -19.43
H7 A1A27 C . -6.13 -15.23 -18.07
H9 A1A27 C . -6.44 -13.73 -19.84
H10 A1A27 C . -5.04 -14.15 -20.47
H11 A1A27 C . -3.79 -11.10 -20.19
H12 A1A27 C . -4.48 -8.74 -20.45
H13 A1A27 C . -6.32 -7.99 -19.39
H14 A1A27 C . -7.64 -9.51 -17.99
H15 A1A27 C . -7.00 -11.67 -17.76
H16 A1A27 C . -3.24 -11.48 -17.19
H17 A1A27 C . 4.92 -11.02 -20.11
H18 A1A27 C . 4.46 -9.59 -24.83
H19 A1A27 C . 5.95 -9.47 -24.28
H21 A1A27 C . 4.68 -8.10 -26.60
H20 A1A27 C . 3.39 -7.60 -25.83
H23 A1A27 C . 9.24 -8.05 -26.53
H24 A1A27 C . 8.81 -5.05 -23.80
H25 A1A27 C . 6.47 -5.71 -23.52
H26 A1A27 C . 6.22 -6.28 -27.63
H27 A1A27 C . 4.06 -3.09 -26.85
H29 A1A27 C . 5.77 -8.90 -19.84
H28 A1A27 C . 4.44 -8.24 -20.39
H31 A1A27 C . 6.04 -8.05 -22.09
H30 A1A27 C . 6.35 -9.61 -22.01
H33 A1A27 C . 3.41 -10.74 -23.40
H32 A1A27 C . 4.78 -11.18 -22.72
H35 A1A27 C . 3.00 -11.47 -21.22
H34 A1A27 C . 2.65 -9.94 -21.35
H5 A1A27 C . -1.15 -14.56 -15.47
H2 A1A27 C . -2.10 -9.29 -12.18
H1 A1A27 C . -1.34 -10.35 -11.47
H4 A1A27 C . 3.36 -9.33 -18.68
H22 A1A27 C . 3.74 -6.52 -23.98
H36 A1A27 C . 3.93 -8.62 -22.76
S DMS D . 17.10 -18.86 -11.80
O DMS D . 18.26 -18.97 -12.77
C1 DMS D . 15.55 -18.70 -12.70
C2 DMS D . 16.77 -20.48 -11.03
S DMS E . -5.61 3.14 -0.77
O DMS E . -5.98 1.68 -0.99
C1 DMS E . -7.02 4.23 -1.08
C2 DMS E . -4.40 3.63 -2.04
H11 DMS E . -6.75 5.23 -0.86
H12 DMS E . -7.82 3.93 -0.45
H13 DMS E . -7.31 4.15 -2.09
H21 DMS E . -4.07 4.62 -1.85
H22 DMS E . -4.85 3.59 -3.00
H23 DMS E . -3.57 2.98 -2.00
CL CL F . 2.18 18.66 -2.82
#